data_4RBL
#
_entry.id   4RBL
#
_cell.length_a   98.418
_cell.length_b   98.418
_cell.length_c   80.319
_cell.angle_alpha   90.00
_cell.angle_beta   90.00
_cell.angle_gamma   120.00
#
_symmetry.space_group_name_H-M   'P 65'
#
loop_
_entity.id
_entity.type
_entity.pdbx_description
1 polymer 'Serine/threonine-protein kinase pim-1'
2 non-polymer 1,4,5,8-tetrahydroxyanthracene-9,10-dione
#
_entity_poly.entity_id   1
_entity_poly.type   'polypeptide(L)'
_entity_poly.pdbx_seq_one_letter_code
;GPHMKEKEPLESQYQVGPLLGSGGFGSVYSGIRVSDNLPVAIKHVEKDRISDWGELPNGTRVPMEVVLLKKVSSGFSGVI
RLLDWFERPDSFVLILERPEPVQDLFDFITERGALQEELARSFFWQVLEAVRHCHNCGVLHRDIKDENILIDLNRGELKL
IDFGSGALLKDTVYTDFDGTRVYSPPEWIRYHRYHGRSAAVWSLGILLYDMVCGDIPFEHDEEIIRGQVFFRQRVS
(SEP)ECQHLIRWCLALRPSDRPTFEEIQNHPWMQDVLLPQETAEIHLHSLSPGPSK
;
_entity_poly.pdbx_strand_id   A
#
loop_
_chem_comp.id
_chem_comp.type
_chem_comp.name
_chem_comp.formula
3O7 non-polymer 1,4,5,8-tetrahydroxyanthracene-9,10-dione 'C14 H8 O6'
#
# COMPACT_ATOMS: atom_id res chain seq x y z
N PRO A 9 4.31 28.50 -11.86
CA PRO A 9 5.47 27.59 -11.89
C PRO A 9 5.11 26.16 -12.33
N LEU A 10 3.91 25.72 -12.00
CA LEU A 10 3.51 24.34 -12.26
C LEU A 10 3.41 23.96 -13.75
N GLU A 11 2.49 24.58 -14.50
CA GLU A 11 2.20 24.15 -15.89
C GLU A 11 3.38 24.42 -16.82
N SER A 12 4.23 25.35 -16.44
CA SER A 12 5.52 25.56 -17.12
C SER A 12 6.50 24.37 -16.95
N GLN A 13 6.68 23.93 -15.72
CA GLN A 13 7.75 22.99 -15.36
C GLN A 13 7.49 21.51 -15.65
N TYR A 14 6.22 21.18 -15.90
CA TYR A 14 5.83 19.84 -16.29
C TYR A 14 4.90 19.90 -17.48
N GLN A 15 4.83 18.79 -18.20
CA GLN A 15 3.98 18.65 -19.34
C GLN A 15 2.93 17.56 -19.12
N VAL A 16 1.66 17.94 -19.11
CA VAL A 16 0.58 16.99 -18.83
C VAL A 16 0.32 16.04 -19.99
N GLY A 17 -0.19 14.86 -19.68
CA GLY A 17 -0.51 13.85 -20.67
C GLY A 17 -1.83 13.22 -20.31
N PRO A 18 -1.98 11.93 -20.67
CA PRO A 18 -3.28 11.30 -20.41
C PRO A 18 -3.66 11.22 -18.94
N LEU A 19 -4.95 11.17 -18.64
CA LEU A 19 -5.41 10.83 -17.33
C LEU A 19 -4.93 9.39 -17.15
N LEU A 20 -4.68 8.98 -15.91
CA LEU A 20 -4.39 7.56 -15.57
C LEU A 20 -5.44 6.94 -14.64
N GLY A 21 -6.14 7.75 -13.84
CA GLY A 21 -7.24 7.23 -13.00
C GLY A 21 -7.92 8.25 -12.11
N SER A 22 -8.79 7.74 -11.22
CA SER A 22 -9.53 8.52 -10.18
C SER A 22 -10.55 7.65 -9.43
N GLY A 23 -11.01 8.00 -8.21
CA GLY A 23 -10.65 9.18 -7.43
C GLY A 23 -11.74 10.25 -7.26
N PHE A 25 -9.69 9.23 -4.12
CA PHE A 25 -8.29 9.59 -3.98
C PHE A 25 -7.77 10.71 -4.92
N GLY A 26 -8.58 11.20 -5.86
CA GLY A 26 -8.14 12.26 -6.81
C GLY A 26 -8.21 11.96 -8.32
N SER A 27 -7.46 12.72 -9.12
CA SER A 27 -7.42 12.57 -10.55
C SER A 27 -5.97 12.68 -10.92
N VAL A 28 -5.42 11.66 -11.58
CA VAL A 28 -3.99 11.55 -11.76
C VAL A 28 -3.63 11.54 -13.21
N TYR A 29 -2.71 12.38 -13.63
CA TYR A 29 -2.35 12.46 -15.03
C TYR A 29 -0.91 12.04 -15.23
N SER A 30 -0.64 11.47 -16.40
CA SER A 30 0.71 11.14 -16.75
C SER A 30 1.33 12.42 -17.16
N GLY A 31 2.57 12.57 -16.77
CA GLY A 31 3.25 13.82 -16.92
C GLY A 31 4.73 13.55 -17.11
N ILE A 32 5.42 14.57 -17.61
CA ILE A 32 6.83 14.50 -17.95
C ILE A 32 7.48 15.73 -17.34
N ARG A 33 8.62 15.58 -16.68
CA ARG A 33 9.30 16.78 -16.18
C ARG A 33 10.12 17.35 -17.34
N VAL A 34 10.13 18.68 -17.48
CA VAL A 34 10.72 19.31 -18.68
C VAL A 34 12.24 19.39 -18.51
N SER A 35 12.69 19.98 -17.41
CA SER A 35 14.07 19.89 -16.96
C SER A 35 14.81 18.65 -17.53
N ASP A 36 14.18 17.47 -17.43
CA ASP A 36 14.64 16.21 -18.04
C ASP A 36 13.45 15.31 -18.06
N ASN A 37 13.42 14.35 -18.95
CA ASN A 37 12.17 13.69 -19.19
C ASN A 37 11.86 12.55 -18.23
N LEU A 38 11.83 12.82 -16.92
CA LEU A 38 11.45 11.77 -15.96
C LEU A 38 10.03 11.70 -16.09
N PRO A 39 9.55 10.50 -16.35
CA PRO A 39 8.15 10.32 -16.13
C PRO A 39 7.79 10.77 -14.70
N VAL A 40 6.62 11.36 -14.53
CA VAL A 40 6.10 11.69 -13.23
C VAL A 40 4.62 11.43 -13.29
N ALA A 41 3.96 11.43 -12.14
CA ALA A 41 2.51 11.39 -12.11
C ALA A 41 2.09 12.59 -11.37
N ILE A 42 0.97 13.19 -11.81
CA ILE A 42 0.46 14.43 -11.29
C ILE A 42 -0.92 14.28 -10.69
N LYS A 43 -1.00 14.39 -9.38
CA LYS A 43 -2.22 14.06 -8.71
C LYS A 43 -2.86 15.31 -8.21
N HIS A 44 -4.12 15.51 -8.55
CA HIS A 44 -4.83 16.63 -8.05
C HIS A 44 -5.76 16.18 -7.02
N VAL A 45 -5.77 16.92 -5.93
CA VAL A 45 -6.72 16.71 -4.86
C VAL A 45 -7.42 18.01 -4.55
N GLU A 46 -8.74 17.93 -4.38
CA GLU A 46 -9.54 19.12 -4.19
C GLU A 46 -9.66 19.39 -2.73
N LYS A 47 -9.40 20.64 -2.37
CA LYS A 47 -9.51 21.08 -0.96
C LYS A 47 -10.75 20.67 -0.20
N ASP A 48 -11.88 20.58 -0.90
CA ASP A 48 -13.18 20.42 -0.27
C ASP A 48 -13.39 19.00 0.15
N ARG A 49 -12.68 18.08 -0.49
CA ARG A 49 -12.74 16.68 -0.14
C ARG A 49 -11.68 16.21 0.85
N ILE A 50 -10.85 17.09 1.38
CA ILE A 50 -9.80 16.67 2.33
C ILE A 50 -10.34 16.77 3.75
N SER A 51 -10.51 15.62 4.42
CA SER A 51 -11.07 15.60 5.78
C SER A 51 -9.99 15.82 6.83
N ASP A 52 -8.74 15.77 6.38
CA ASP A 52 -7.60 15.52 7.26
C ASP A 52 -6.31 16.26 6.90
N TRP A 53 -5.93 17.23 7.73
CA TRP A 53 -4.82 18.11 7.42
C TRP A 53 -3.71 17.99 8.45
N GLY A 54 -2.55 18.55 8.10
CA GLY A 54 -1.42 18.57 9.01
C GLY A 54 -0.62 19.82 8.78
N GLU A 55 0.66 19.74 9.10
CA GLU A 55 1.56 20.86 8.97
C GLU A 55 2.98 20.33 8.75
N LEU A 56 3.76 21.00 7.91
CA LEU A 56 5.11 20.52 7.63
C LEU A 56 6.07 21.16 8.64
N PRO A 57 7.34 20.69 8.69
CA PRO A 57 8.36 21.43 9.43
C PRO A 57 8.07 22.94 9.42
N ASN A 58 8.58 23.68 8.41
CA ASN A 58 8.31 25.12 8.25
C ASN A 58 6.92 25.62 8.69
N GLY A 59 5.96 24.72 8.84
CA GLY A 59 4.71 25.07 9.49
C GLY A 59 3.54 25.53 8.58
N THR A 60 3.50 25.13 7.32
CA THR A 60 2.33 25.44 6.48
C THR A 60 1.21 24.41 6.71
N ARG A 61 -0.02 24.82 6.46
CA ARG A 61 -1.19 23.95 6.65
C ARG A 61 -1.49 23.10 5.39
N VAL A 62 -1.11 21.81 5.39
CA VAL A 62 -1.24 20.97 4.18
C VAL A 62 -2.13 19.75 4.45
N PRO A 63 -2.49 19.00 3.39
CA PRO A 63 -3.16 17.70 3.56
C PRO A 63 -2.23 16.65 4.13
N MET A 64 -2.76 15.81 4.98
CA MET A 64 -1.96 14.82 5.64
C MET A 64 -1.11 14.02 4.62
N GLU A 65 -1.75 13.67 3.50
CA GLU A 65 -1.08 12.89 2.46
C GLU A 65 0.34 13.41 2.21
N VAL A 66 0.45 14.74 2.15
CA VAL A 66 1.70 15.40 1.83
C VAL A 66 2.66 15.33 2.99
N VAL A 67 2.11 15.47 4.19
CA VAL A 67 2.92 15.34 5.39
C VAL A 67 3.54 13.95 5.35
N LEU A 68 2.66 12.96 5.25
CA LEU A 68 3.04 11.56 5.24
C LEU A 68 4.00 11.24 4.11
N LEU A 69 3.74 11.75 2.90
CA LEU A 69 4.64 11.49 1.77
C LEU A 69 6.04 12.05 1.95
N LYS A 70 6.15 13.17 2.64
CA LYS A 70 7.45 13.84 2.80
C LYS A 70 8.23 13.03 3.76
N LYS A 71 7.59 12.65 4.87
CA LYS A 71 8.25 11.80 5.86
C LYS A 71 8.82 10.50 5.25
N VAL A 72 8.13 9.91 4.28
CA VAL A 72 8.59 8.62 3.71
C VAL A 72 9.38 8.75 2.41
N SER A 73 9.51 9.95 1.85
CA SER A 73 10.08 10.06 0.49
C SER A 73 11.59 10.25 0.51
N SER A 74 12.16 10.37 1.71
CA SER A 74 13.61 10.48 1.83
C SER A 74 14.26 9.18 1.49
N GLY A 75 15.19 9.22 0.56
CA GLY A 75 15.95 8.06 0.17
C GLY A 75 15.08 7.09 -0.59
N PHE A 76 15.66 5.94 -0.91
CA PHE A 76 15.02 4.94 -1.73
C PHE A 76 14.08 4.10 -0.87
N SER A 77 13.14 3.43 -1.52
CA SER A 77 12.48 2.29 -0.89
C SER A 77 11.35 1.81 -1.79
N GLY A 78 10.45 1.03 -1.22
CA GLY A 78 9.28 0.54 -1.92
C GLY A 78 8.09 1.46 -1.76
N VAL A 79 8.33 2.73 -1.61
CA VAL A 79 7.28 3.72 -1.68
C VAL A 79 7.45 4.62 -2.90
N ILE A 80 6.36 4.90 -3.58
CA ILE A 80 6.41 5.91 -4.61
C ILE A 80 6.53 7.27 -3.97
N ARG A 81 7.61 7.97 -4.37
CA ARG A 81 8.09 9.21 -3.77
C ARG A 81 7.37 10.48 -4.24
N LEU A 82 7.20 11.44 -3.33
CA LEU A 82 6.69 12.77 -3.64
C LEU A 82 7.85 13.64 -4.14
N LEU A 83 7.85 14.03 -5.41
CA LEU A 83 8.98 14.84 -5.91
C LEU A 83 8.75 16.33 -5.64
N ASP A 84 7.49 16.72 -5.51
CA ASP A 84 7.13 18.11 -5.38
C ASP A 84 5.64 18.22 -5.15
N TRP A 85 5.19 19.44 -4.86
CA TRP A 85 3.79 19.71 -4.74
C TRP A 85 3.47 21.21 -4.88
N PHE A 86 2.21 21.52 -5.11
CA PHE A 86 1.77 22.89 -5.27
C PHE A 86 0.43 23.09 -4.66
N GLU A 87 0.16 24.31 -4.29
CA GLU A 87 -1.18 24.66 -3.85
C GLU A 87 -1.81 25.52 -4.91
N ARG A 88 -3.09 25.31 -5.11
CA ARG A 88 -3.90 26.16 -5.93
C ARG A 88 -5.14 26.57 -5.16
N PRO A 89 -5.95 27.44 -5.76
CA PRO A 89 -7.07 27.97 -5.00
C PRO A 89 -8.04 26.92 -4.49
N ASP A 90 -8.32 25.87 -5.25
CA ASP A 90 -9.28 24.88 -4.72
C ASP A 90 -8.78 23.44 -4.66
N SER A 91 -7.51 23.28 -5.01
CA SER A 91 -6.91 21.97 -5.17
C SER A 91 -5.46 22.01 -4.67
N PHE A 92 -4.92 20.87 -4.25
CA PHE A 92 -3.43 20.69 -4.18
C PHE A 92 -3.04 19.75 -5.30
N VAL A 93 -1.78 19.76 -5.65
CA VAL A 93 -1.30 19.05 -6.79
C VAL A 93 0.03 18.44 -6.40
N LEU A 94 0.19 17.15 -6.61
CA LEU A 94 1.34 16.44 -6.13
C LEU A 94 2.06 15.91 -7.31
N ILE A 95 3.38 15.90 -7.25
CA ILE A 95 4.13 15.35 -8.34
C ILE A 95 4.78 14.09 -7.79
N LEU A 96 4.56 12.99 -8.45
CA LEU A 96 5.09 11.74 -7.95
C LEU A 96 5.90 11.06 -9.04
N GLU A 97 6.73 10.11 -8.61
CA GLU A 97 7.43 9.23 -9.53
C GLU A 97 6.45 8.52 -10.38
N ARG A 98 6.88 8.18 -11.59
CA ARG A 98 6.14 7.30 -12.46
C ARG A 98 7.04 6.24 -13.07
N PRO A 99 7.13 5.08 -12.43
CA PRO A 99 7.91 4.03 -13.03
C PRO A 99 7.22 3.59 -14.31
N GLU A 100 7.95 2.88 -15.14
CA GLU A 100 7.64 2.77 -16.55
C GLU A 100 8.30 1.51 -17.18
N PRO A 101 7.54 0.48 -17.53
CA PRO A 101 6.14 0.22 -17.41
C PRO A 101 5.77 -0.41 -16.05
N VAL A 102 4.49 -0.20 -15.72
CA VAL A 102 4.01 -0.42 -14.42
C VAL A 102 2.66 -1.10 -14.51
N GLN A 103 2.32 -1.90 -13.52
CA GLN A 103 0.96 -2.39 -13.37
C GLN A 103 0.66 -2.58 -11.89
N ASP A 104 -0.57 -2.29 -11.53
CA ASP A 104 -0.97 -2.43 -10.16
C ASP A 104 -1.37 -3.89 -9.87
N LEU A 105 -1.24 -4.27 -8.61
CA LEU A 105 -1.37 -5.66 -8.24
C LEU A 105 -2.77 -6.23 -8.42
N PHE A 106 -3.76 -5.39 -8.31
CA PHE A 106 -5.14 -5.78 -8.54
C PHE A 106 -5.33 -6.21 -9.99
N ASP A 107 -4.82 -5.40 -10.91
CA ASP A 107 -4.89 -5.74 -12.35
C ASP A 107 -4.06 -6.94 -12.67
N PHE A 108 -2.89 -7.02 -12.06
CA PHE A 108 -1.98 -8.11 -12.32
C PHE A 108 -2.65 -9.42 -11.93
N ILE A 109 -3.29 -9.43 -10.75
CA ILE A 109 -3.85 -10.67 -10.20
C ILE A 109 -5.07 -11.02 -11.02
N THR A 110 -5.84 -9.99 -11.33
CA THR A 110 -7.00 -10.13 -12.19
C THR A 110 -6.67 -10.77 -13.52
N GLU A 111 -5.50 -10.48 -14.07
CA GLU A 111 -5.09 -11.08 -15.34
C GLU A 111 -4.51 -12.47 -15.22
N ARG A 112 -3.62 -12.70 -14.28
CA ARG A 112 -2.96 -14.01 -14.16
C ARG A 112 -3.51 -14.94 -13.12
N GLY A 113 -4.61 -14.57 -12.48
CA GLY A 113 -5.20 -15.36 -11.39
C GLY A 113 -4.25 -15.44 -10.21
N ALA A 114 -4.47 -16.44 -9.35
CA ALA A 114 -3.59 -16.66 -8.22
C ALA A 114 -2.13 -16.79 -8.63
N LEU A 115 -1.23 -16.45 -7.73
CA LEU A 115 0.17 -16.32 -7.99
C LEU A 115 0.91 -17.47 -7.38
N GLN A 116 1.90 -17.96 -8.11
CA GLN A 116 2.73 -19.01 -7.59
C GLN A 116 3.34 -18.51 -6.30
N GLU A 117 3.52 -19.45 -5.36
CA GLU A 117 4.07 -19.10 -4.06
C GLU A 117 5.36 -18.33 -4.12
N GLU A 118 6.20 -18.70 -5.07
CA GLU A 118 7.52 -18.06 -5.16
C GLU A 118 7.38 -16.58 -5.52
N LEU A 119 6.45 -16.30 -6.40
CA LEU A 119 6.15 -14.93 -6.77
C LEU A 119 5.47 -14.18 -5.63
N ALA A 120 4.51 -14.84 -4.99
CA ALA A 120 3.78 -14.22 -3.86
C ALA A 120 4.75 -13.88 -2.74
N ARG A 121 5.66 -14.82 -2.46
CA ARG A 121 6.69 -14.62 -1.41
C ARG A 121 7.57 -13.41 -1.68
N SER A 122 7.89 -13.18 -2.93
CA SER A 122 8.77 -12.04 -3.27
C SER A 122 7.99 -10.73 -3.12
N PHE A 123 6.81 -10.75 -3.69
CA PHE A 123 5.94 -9.60 -3.62
C PHE A 123 5.63 -9.27 -2.15
N PHE A 124 5.16 -10.27 -1.42
CA PHE A 124 4.83 -10.05 -0.02
C PHE A 124 6.01 -9.51 0.79
N TRP A 125 7.18 -10.05 0.51
CA TRP A 125 8.39 -9.60 1.23
C TRP A 125 8.61 -8.14 0.96
N GLN A 126 8.47 -7.73 -0.30
CA GLN A 126 8.69 -6.31 -0.65
C GLN A 126 7.67 -5.36 -0.03
N VAL A 127 6.44 -5.83 0.08
CA VAL A 127 5.43 -5.07 0.82
C VAL A 127 5.85 -4.97 2.29
N LEU A 128 6.31 -6.07 2.83
CA LEU A 128 6.79 -5.99 4.19
C LEU A 128 7.90 -4.97 4.36
N GLU A 129 8.91 -5.02 3.50
CA GLU A 129 9.95 -3.97 3.62
C GLU A 129 9.39 -2.57 3.53
N ALA A 130 8.42 -2.38 2.65
CA ALA A 130 7.95 -1.01 2.40
C ALA A 130 7.17 -0.46 3.57
N VAL A 131 6.39 -1.34 4.17
CA VAL A 131 5.61 -1.01 5.35
C VAL A 131 6.52 -0.78 6.53
N ARG A 132 7.53 -1.62 6.70
CA ARG A 132 8.57 -1.33 7.72
C ARG A 132 9.16 0.05 7.54
N HIS A 133 9.38 0.43 6.31
CA HIS A 133 9.99 1.72 6.04
C HIS A 133 9.07 2.82 6.50
N CYS A 134 7.80 2.71 6.18
CA CYS A 134 6.83 3.73 6.59
C CYS A 134 6.77 3.84 8.10
N HIS A 135 6.63 2.72 8.77
CA HIS A 135 6.53 2.72 10.24
C HIS A 135 7.73 3.37 10.85
N ASN A 136 8.86 2.97 10.35
CA ASN A 136 10.03 3.71 10.65
C ASN A 136 10.03 5.17 10.50
N CYS A 137 9.47 5.68 9.42
CA CYS A 137 9.44 7.10 9.25
C CYS A 137 8.34 7.78 10.03
N GLY A 138 7.58 7.03 10.82
CA GLY A 138 6.46 7.59 11.61
C GLY A 138 5.09 7.57 10.92
N VAL A 139 5.02 6.85 9.80
CA VAL A 139 3.83 6.83 8.99
C VAL A 139 3.15 5.46 9.01
N LEU A 140 1.84 5.50 9.16
CA LEU A 140 0.97 4.35 8.98
C LEU A 140 0.04 4.55 7.76
N HIS A 141 0.03 3.59 6.82
CA HIS A 141 -0.70 3.74 5.53
C HIS A 141 -2.21 3.53 5.69
N ARG A 142 -2.61 2.48 6.38
CA ARG A 142 -4.01 2.21 6.70
C ARG A 142 -4.90 1.75 5.56
N ASP A 143 -4.33 1.59 4.39
CA ASP A 143 -5.06 1.10 3.24
C ASP A 143 -4.21 0.16 2.36
N ILE A 144 -3.47 -0.72 3.02
CA ILE A 144 -2.61 -1.64 2.30
C ILE A 144 -3.50 -2.65 1.63
N LYS A 145 -3.52 -2.65 0.29
CA LYS A 145 -4.30 -3.59 -0.50
C LYS A 145 -3.72 -3.66 -1.95
N ASP A 146 -4.17 -4.63 -2.76
CA ASP A 146 -3.56 -4.88 -4.11
C ASP A 146 -3.51 -3.62 -4.97
N GLU A 147 -4.57 -2.86 -4.93
CA GLU A 147 -4.62 -1.70 -5.80
C GLU A 147 -3.82 -0.51 -5.33
N ASN A 148 -3.26 -0.59 -4.13
CA ASN A 148 -2.31 0.41 -3.65
C ASN A 148 -0.88 -0.04 -3.75
N ILE A 149 -0.63 -1.08 -4.57
CA ILE A 149 0.72 -1.56 -4.86
C ILE A 149 0.95 -1.57 -6.37
N LEU A 150 2.02 -0.94 -6.80
CA LEU A 150 2.34 -0.94 -8.19
C LEU A 150 3.51 -1.83 -8.38
N ILE A 151 3.51 -2.53 -9.50
CA ILE A 151 4.65 -3.31 -9.90
C ILE A 151 5.42 -2.61 -11.02
N ASP A 152 6.71 -2.43 -10.81
CA ASP A 152 7.61 -2.04 -11.87
C ASP A 152 7.97 -3.35 -12.55
N LEU A 153 7.23 -3.65 -13.61
CA LEU A 153 7.45 -4.88 -14.41
C LEU A 153 8.90 -5.22 -14.83
N ASN A 154 9.75 -4.23 -15.06
CA ASN A 154 11.11 -4.50 -15.52
C ASN A 154 12.07 -4.89 -14.44
N ARG A 155 12.01 -4.16 -13.33
CA ARG A 155 12.96 -4.42 -12.22
C ARG A 155 12.40 -5.41 -11.16
N GLY A 156 11.11 -5.68 -11.28
CA GLY A 156 10.44 -6.59 -10.35
C GLY A 156 10.23 -5.93 -8.99
N GLU A 157 10.17 -4.61 -8.95
CA GLU A 157 10.11 -3.85 -7.69
C GLU A 157 8.71 -3.33 -7.40
N LEU A 158 8.17 -3.67 -6.22
CA LEU A 158 6.84 -3.23 -5.80
C LEU A 158 6.95 -1.89 -5.14
N LYS A 159 5.94 -1.05 -5.29
CA LYS A 159 5.96 0.32 -4.74
C LYS A 159 4.59 0.64 -4.11
N LEU A 160 4.54 1.15 -2.87
CA LEU A 160 3.24 1.56 -2.26
C LEU A 160 2.75 2.88 -2.70
N ILE A 161 1.45 3.08 -2.86
CA ILE A 161 1.09 4.37 -3.39
C ILE A 161 0.14 5.31 -2.67
N ASP A 162 -1.00 4.88 -2.21
CA ASP A 162 -1.97 5.97 -1.91
C ASP A 162 -2.05 6.25 -0.42
N PHE A 163 -1.37 7.31 0.05
CA PHE A 163 -1.34 7.65 1.49
C PHE A 163 -2.48 8.51 2.00
N GLY A 164 -3.51 8.69 1.18
CA GLY A 164 -4.65 9.54 1.58
C GLY A 164 -5.54 9.11 2.72
N SER A 165 -5.41 7.89 3.23
CA SER A 165 -6.13 7.42 4.42
C SER A 165 -5.12 7.23 5.56
N GLY A 166 -3.86 7.64 5.32
CA GLY A 166 -2.78 7.39 6.25
C GLY A 166 -2.93 8.20 7.53
N ALA A 167 -2.06 7.91 8.49
CA ALA A 167 -1.95 8.72 9.71
C ALA A 167 -0.55 8.64 10.21
N LEU A 168 -0.22 9.57 11.12
CA LEU A 168 1.03 9.47 11.82
C LEU A 168 0.95 8.25 12.69
N LEU A 169 2.06 7.55 12.76
CA LEU A 169 2.10 6.36 13.57
C LEU A 169 2.08 6.81 15.03
N LYS A 170 1.33 6.10 15.86
CA LYS A 170 1.29 6.36 17.29
C LYS A 170 0.99 5.08 17.99
N ASP A 171 1.18 5.03 19.31
CA ASP A 171 0.91 3.82 20.07
C ASP A 171 -0.52 3.81 20.59
N THR A 172 -1.15 4.98 20.60
CA THR A 172 -2.53 5.11 21.06
C THR A 172 -3.49 4.31 20.18
N VAL A 173 -4.72 4.15 20.66
CA VAL A 173 -5.74 3.42 19.92
C VAL A 173 -6.49 4.34 18.96
N TYR A 174 -6.50 3.97 17.68
CA TYR A 174 -7.18 4.76 16.66
C TYR A 174 -8.69 4.65 16.80
N THR A 175 -9.40 5.70 16.39
CA THR A 175 -10.85 5.71 16.48
C THR A 175 -11.49 5.99 15.11
N ASP A 176 -10.65 6.42 14.16
CA ASP A 176 -11.12 6.72 12.82
C ASP A 176 -10.50 5.68 11.89
N PHE A 177 -11.15 5.45 10.75
CA PHE A 177 -10.64 4.57 9.70
C PHE A 177 -11.20 4.93 8.34
N ASP A 178 -10.35 5.22 7.37
CA ASP A 178 -10.84 5.52 6.03
C ASP A 178 -10.55 4.53 4.95
N GLY A 179 -10.00 3.38 5.29
CA GLY A 179 -9.55 2.44 4.28
C GLY A 179 -10.65 1.52 3.84
N THR A 180 -10.28 0.40 3.25
CA THR A 180 -11.27 -0.52 2.70
C THR A 180 -11.78 -1.46 3.73
N ARG A 181 -13.11 -1.63 3.71
CA ARG A 181 -13.79 -2.35 4.71
C ARG A 181 -13.32 -3.80 4.71
N VAL A 182 -13.57 -4.49 3.62
CA VAL A 182 -13.20 -5.90 3.49
C VAL A 182 -11.76 -6.16 3.87
N TYR A 183 -10.95 -5.10 3.93
CA TYR A 183 -9.57 -5.19 4.53
C TYR A 183 -9.43 -4.77 6.04
N SER A 184 -10.52 -4.34 6.67
CA SER A 184 -10.48 -3.83 8.04
C SER A 184 -10.59 -4.98 9.07
N PRO A 185 -9.90 -4.82 10.16
CA PRO A 185 -9.81 -5.86 11.13
C PRO A 185 -11.07 -6.01 11.95
N PRO A 186 -11.27 -7.19 12.52
CA PRO A 186 -12.44 -7.41 13.33
C PRO A 186 -12.61 -6.41 14.49
N GLU A 187 -11.52 -5.98 15.12
CA GLU A 187 -11.62 -5.02 16.23
C GLU A 187 -12.24 -3.70 15.78
N TRP A 188 -12.12 -3.38 14.51
CA TRP A 188 -12.72 -2.16 14.00
C TRP A 188 -14.18 -2.41 13.76
N ILE A 189 -14.48 -3.56 13.18
CA ILE A 189 -15.83 -3.87 12.85
C ILE A 189 -16.64 -3.82 14.16
N ARG A 190 -16.16 -4.50 15.20
CA ARG A 190 -16.94 -4.66 16.43
C ARG A 190 -16.91 -3.47 17.36
N TYR A 191 -15.75 -2.85 17.55
CA TYR A 191 -15.60 -1.86 18.62
C TYR A 191 -15.23 -0.48 18.15
N HIS A 192 -15.07 -0.31 16.86
CA HIS A 192 -14.64 0.99 16.32
C HIS A 192 -13.31 1.49 16.90
N ARG A 193 -12.45 0.58 17.30
CA ARG A 193 -11.10 0.91 17.72
C ARG A 193 -10.04 -0.12 17.27
N TYR A 194 -8.81 0.36 17.00
CA TYR A 194 -7.68 -0.54 16.66
C TYR A 194 -6.38 0.14 16.97
N HIS A 195 -5.32 -0.65 16.95
CA HIS A 195 -3.96 -0.12 16.97
C HIS A 195 -3.27 -0.36 15.64
N GLY A 196 -2.38 0.56 15.27
CA GLY A 196 -1.71 0.59 13.92
C GLY A 196 -1.08 -0.71 13.44
N ARG A 197 0.00 -1.07 14.09
CA ARG A 197 0.79 -2.24 13.73
C ARG A 197 -0.02 -3.48 13.56
N SER A 198 -0.91 -3.74 14.51
CA SER A 198 -1.67 -4.99 14.49
C SER A 198 -2.80 -4.96 13.44
N ALA A 199 -3.35 -3.77 13.18
CA ALA A 199 -4.32 -3.65 12.12
C ALA A 199 -3.61 -3.83 10.77
N ALA A 200 -2.43 -3.26 10.64
CA ALA A 200 -1.64 -3.41 9.42
C ALA A 200 -1.33 -4.89 9.12
N VAL A 201 -1.04 -5.63 10.17
CA VAL A 201 -0.69 -7.06 9.99
C VAL A 201 -1.92 -7.73 9.52
N TRP A 202 -3.07 -7.35 10.06
CA TRP A 202 -4.32 -8.01 9.63
C TRP A 202 -4.47 -7.85 8.09
N SER A 203 -4.32 -6.60 7.63
CA SER A 203 -4.54 -6.28 6.26
C SER A 203 -3.46 -6.97 5.39
N LEU A 204 -2.25 -7.11 5.91
CA LEU A 204 -1.22 -7.85 5.26
C LEU A 204 -1.64 -9.32 5.09
N GLY A 205 -2.31 -9.84 6.09
CA GLY A 205 -2.86 -11.18 5.99
C GLY A 205 -3.94 -11.28 4.91
N ILE A 206 -4.81 -10.28 4.84
CA ILE A 206 -5.81 -10.24 3.74
C ILE A 206 -5.10 -10.18 2.38
N LEU A 207 -4.09 -9.33 2.30
CA LEU A 207 -3.32 -9.22 1.09
C LEU A 207 -2.70 -10.56 0.69
N LEU A 208 -2.18 -11.34 1.65
CA LEU A 208 -1.40 -12.48 1.25
C LEU A 208 -2.34 -13.52 0.74
N TYR A 209 -3.53 -13.59 1.31
CA TYR A 209 -4.54 -14.58 0.88
C TYR A 209 -4.86 -14.26 -0.56
N ASP A 210 -5.10 -13.01 -0.82
CA ASP A 210 -5.42 -12.50 -2.14
C ASP A 210 -4.39 -12.89 -3.21
N MET A 211 -3.14 -12.66 -2.88
CA MET A 211 -2.04 -13.06 -3.73
C MET A 211 -2.14 -14.52 -4.07
N VAL A 212 -2.31 -15.38 -3.09
CA VAL A 212 -2.27 -16.82 -3.36
C VAL A 212 -3.59 -17.47 -3.71
N CYS A 213 -4.69 -16.75 -3.59
CA CYS A 213 -5.99 -17.34 -3.88
C CYS A 213 -6.70 -16.64 -5.03
N GLY A 214 -6.17 -15.48 -5.45
CA GLY A 214 -6.82 -14.73 -6.53
C GLY A 214 -7.91 -13.79 -6.09
N ASP A 215 -8.35 -13.91 -4.85
CA ASP A 215 -9.49 -13.18 -4.33
C ASP A 215 -9.29 -12.98 -2.81
N ILE A 216 -10.04 -12.04 -2.22
CA ILE A 216 -9.99 -11.85 -0.79
C ILE A 216 -10.75 -12.92 0.00
N PRO A 217 -10.37 -13.14 1.25
CA PRO A 217 -11.04 -14.17 1.99
C PRO A 217 -12.43 -13.80 2.47
N PHE A 218 -12.70 -12.54 2.77
CA PHE A 218 -13.97 -12.13 3.44
C PHE A 218 -14.63 -11.03 2.69
N GLU A 219 -15.94 -11.10 2.62
CA GLU A 219 -16.78 -10.14 1.93
C GLU A 219 -17.63 -9.33 2.92
N HIS A 220 -18.28 -10.03 3.86
CA HIS A 220 -19.21 -9.41 4.81
C HIS A 220 -18.64 -9.32 6.22
N ASP A 221 -19.16 -8.35 6.94
CA ASP A 221 -18.75 -8.14 8.31
C ASP A 221 -18.74 -9.43 9.10
N GLU A 222 -19.75 -10.24 8.89
CA GLU A 222 -19.94 -11.43 9.76
C GLU A 222 -18.79 -12.41 9.57
N GLU A 223 -18.30 -12.50 8.32
CA GLU A 223 -17.20 -13.41 7.98
C GLU A 223 -15.87 -12.89 8.54
N ILE A 224 -15.70 -11.58 8.54
CA ILE A 224 -14.51 -10.95 9.15
C ILE A 224 -14.50 -11.23 10.64
N ILE A 225 -15.60 -10.94 11.31
CA ILE A 225 -15.67 -11.13 12.77
C ILE A 225 -15.55 -12.60 13.13
N ARG A 226 -15.94 -13.49 12.22
CA ARG A 226 -15.90 -14.94 12.51
C ARG A 226 -14.48 -15.49 12.29
N GLY A 227 -13.65 -14.77 11.52
CA GLY A 227 -12.26 -15.12 11.24
C GLY A 227 -11.92 -16.55 10.78
N GLN A 228 -12.84 -17.23 10.14
CA GLN A 228 -12.53 -18.54 9.59
C GLN A 228 -12.13 -18.42 8.13
N VAL A 229 -10.99 -19.00 7.77
CA VAL A 229 -10.42 -18.79 6.46
C VAL A 229 -10.54 -20.07 5.70
N PHE A 230 -11.22 -20.01 4.55
CA PHE A 230 -11.29 -21.12 3.63
C PHE A 230 -10.46 -20.76 2.46
N PHE A 231 -9.71 -21.77 2.04
CA PHE A 231 -8.86 -21.69 0.89
C PHE A 231 -9.53 -22.26 -0.30
N ARG A 232 -9.60 -21.46 -1.34
CA ARG A 232 -10.27 -21.88 -2.55
C ARG A 232 -9.25 -22.36 -3.58
N GLN A 233 -7.97 -22.35 -3.21
CA GLN A 233 -6.90 -22.73 -4.07
C GLN A 233 -5.90 -23.61 -3.29
N ARG A 234 -5.03 -24.35 -3.99
CA ARG A 234 -4.07 -25.15 -3.30
C ARG A 234 -3.05 -24.19 -2.80
N VAL A 235 -2.72 -24.28 -1.51
CA VAL A 235 -1.78 -23.38 -0.84
C VAL A 235 -1.02 -24.17 0.19
N SER A 236 0.29 -24.07 0.19
CA SER A 236 1.10 -24.91 1.04
C SER A 236 0.67 -24.76 2.46
N SEP A 237 1.11 -25.67 3.29
CA SEP A 237 0.65 -25.70 4.65
CB SEP A 237 0.96 -27.06 5.26
OG SEP A 237 0.17 -28.03 4.58
C SEP A 237 1.28 -24.57 5.40
O SEP A 237 0.67 -24.07 6.35
P SEP A 237 0.85 -29.28 3.83
O1P SEP A 237 -0.20 -30.28 3.53
O2P SEP A 237 1.85 -29.69 4.85
O3P SEP A 237 1.46 -28.70 2.59
N GLU A 238 2.46 -24.16 5.02
CA GLU A 238 3.12 -23.10 5.73
C GLU A 238 2.55 -21.77 5.37
N CYS A 239 2.00 -21.62 4.18
CA CYS A 239 1.51 -20.35 3.78
C CYS A 239 0.15 -20.12 4.48
N GLN A 240 -0.67 -21.17 4.49
CA GLN A 240 -1.93 -21.17 5.27
C GLN A 240 -1.70 -20.81 6.72
N HIS A 241 -0.61 -21.32 7.28
CA HIS A 241 -0.29 -21.05 8.69
C HIS A 241 0.05 -19.59 8.89
N LEU A 242 0.92 -19.06 8.04
CA LEU A 242 1.26 -17.62 8.14
C LEU A 242 0.01 -16.70 7.97
N ILE A 243 -0.83 -17.02 7.01
CA ILE A 243 -1.98 -16.26 6.72
C ILE A 243 -2.90 -16.30 7.94
N ARG A 244 -3.17 -17.49 8.46
CA ARG A 244 -4.06 -17.60 9.62
C ARG A 244 -3.53 -16.88 10.79
N TRP A 245 -2.22 -16.87 10.95
CA TRP A 245 -1.63 -16.22 12.08
C TRP A 245 -1.87 -14.68 12.01
N CYS A 246 -1.62 -14.10 10.83
CA CYS A 246 -1.90 -12.65 10.58
C CYS A 246 -3.37 -12.31 10.76
N LEU A 247 -4.20 -13.27 10.43
CA LEU A 247 -5.61 -13.06 10.52
C LEU A 247 -6.17 -13.61 11.83
N ALA A 248 -5.37 -13.74 12.89
CA ALA A 248 -5.96 -13.98 14.24
C ALA A 248 -6.94 -12.88 14.70
N LEU A 249 -8.03 -13.30 15.35
CA LEU A 249 -9.08 -12.38 15.86
C LEU A 249 -8.57 -11.44 16.89
N ARG A 250 -7.83 -11.97 17.84
CA ARG A 250 -7.24 -11.14 18.87
C ARG A 250 -5.99 -10.47 18.34
N PRO A 251 -5.97 -9.15 18.33
CA PRO A 251 -4.80 -8.40 17.90
C PRO A 251 -3.46 -8.92 18.42
N SER A 252 -3.40 -9.11 19.73
CA SER A 252 -2.18 -9.52 20.43
C SER A 252 -1.70 -10.88 19.99
N ASP A 253 -2.57 -11.71 19.39
CA ASP A 253 -2.17 -13.02 18.83
C ASP A 253 -1.60 -13.00 17.41
N ARG A 254 -1.59 -11.83 16.79
CA ARG A 254 -1.00 -11.68 15.48
C ARG A 254 0.50 -11.51 15.61
N PRO A 255 1.24 -11.87 14.56
CA PRO A 255 2.66 -11.61 14.51
C PRO A 255 3.01 -10.18 14.35
N THR A 256 4.21 -9.86 14.85
CA THR A 256 4.96 -8.64 14.50
C THR A 256 5.57 -8.85 13.13
N PHE A 257 6.10 -7.78 12.57
CA PHE A 257 6.75 -7.85 11.26
C PHE A 257 7.93 -8.80 11.26
N GLU A 258 8.74 -8.68 12.30
CA GLU A 258 9.85 -9.61 12.53
C GLU A 258 9.42 -11.05 12.48
N GLU A 259 8.37 -11.36 13.21
CA GLU A 259 7.92 -12.75 13.21
C GLU A 259 7.43 -13.20 11.86
N ILE A 260 6.71 -12.34 11.14
CA ILE A 260 6.29 -12.63 9.76
C ILE A 260 7.51 -12.85 8.89
N GLN A 261 8.47 -11.95 9.04
CA GLN A 261 9.67 -12.05 8.23
C GLN A 261 10.57 -13.24 8.60
N ASN A 262 10.46 -13.75 9.84
CA ASN A 262 11.14 -15.02 10.20
C ASN A 262 10.31 -16.27 10.07
N HIS A 263 9.19 -16.19 9.38
CA HIS A 263 8.37 -17.36 9.26
C HIS A 263 8.97 -18.27 8.18
N PRO A 264 8.90 -19.57 8.37
CA PRO A 264 9.39 -20.52 7.37
C PRO A 264 9.03 -20.25 5.94
N TRP A 265 7.77 -19.91 5.68
CA TRP A 265 7.32 -19.63 4.32
C TRP A 265 8.02 -18.42 3.71
N MET A 266 8.42 -17.47 4.56
CA MET A 266 9.21 -16.35 4.07
C MET A 266 10.68 -16.60 3.72
N GLN A 267 11.19 -17.82 3.86
CA GLN A 267 12.64 -18.07 3.67
C GLN A 267 13.05 -18.11 2.21
N ASP A 268 14.29 -17.71 1.92
CA ASP A 268 14.87 -17.84 0.57
C ASP A 268 14.02 -17.11 -0.43
N VAL A 269 13.69 -15.87 -0.09
CA VAL A 269 13.00 -15.00 -1.01
C VAL A 269 13.94 -14.65 -2.17
N LEU A 270 13.38 -14.63 -3.38
CA LEU A 270 14.09 -14.17 -4.54
C LEU A 270 14.29 -12.69 -4.47
N LEU A 271 15.33 -12.20 -5.13
CA LEU A 271 15.55 -10.77 -5.34
C LEU A 271 14.61 -10.20 -6.42
N PRO A 272 14.48 -8.87 -6.47
CA PRO A 272 13.50 -8.38 -7.44
C PRO A 272 13.80 -8.69 -8.84
N GLN A 273 15.06 -8.48 -9.23
CA GLN A 273 15.44 -8.70 -10.61
C GLN A 273 15.16 -10.14 -11.05
N GLU A 274 15.55 -11.14 -10.23
CA GLU A 274 15.29 -12.54 -10.59
C GLU A 274 13.83 -12.87 -10.66
N THR A 275 13.07 -12.18 -9.84
CA THR A 275 11.63 -12.31 -9.84
C THR A 275 11.08 -11.83 -11.16
N ALA A 276 11.56 -10.69 -11.64
CA ALA A 276 11.10 -10.18 -12.94
C ALA A 276 11.50 -11.12 -14.09
N GLU A 277 12.74 -11.61 -14.06
CA GLU A 277 13.20 -12.50 -15.13
C GLU A 277 12.34 -13.75 -15.21
N ILE A 278 12.25 -14.43 -14.06
CA ILE A 278 11.49 -15.66 -13.96
C ILE A 278 10.00 -15.48 -14.17
N HIS A 279 9.41 -14.40 -13.67
CA HIS A 279 7.96 -14.32 -13.67
C HIS A 279 7.41 -13.16 -14.42
N LEU A 280 8.23 -12.19 -14.79
CA LEU A 280 7.64 -11.05 -15.48
C LEU A 280 8.16 -10.86 -16.92
N HIS A 281 9.34 -11.41 -17.26
CA HIS A 281 9.78 -11.54 -18.66
C HIS A 281 9.35 -12.91 -19.18
O2 3O7 B . -1.62 5.43 -11.48
CAY 3O7 B . -0.42 5.84 -10.94
CAI 3O7 B . 0.72 5.75 -11.69
CBE 3O7 B . -0.40 6.36 -9.60
CAJ 3O7 B . 1.90 6.14 -11.16
CBA 3O7 B . -1.65 6.46 -8.75
OAA 3O7 B . -2.87 6.06 -9.29
CBF 3O7 B . 0.87 6.77 -9.03
CBC 3O7 B . -1.62 6.99 -7.33
CAZ 3O7 B . 2.03 6.64 -9.90
CBB 3O7 B . 0.86 7.29 -7.60
OAB 3O7 B . 2.04 7.68 -7.06
CAW 3O7 B . -2.81 7.08 -6.55
O1 3O7 B . 3.32 6.99 -9.51
OAE 3O7 B . -4.04 6.68 -7.05
CAG 3O7 B . -2.79 7.55 -5.28
CAH 3O7 B . -1.63 7.95 -4.73
CAX 3O7 B . -0.41 7.91 -5.37
OAF 3O7 B . 0.70 8.33 -4.63
CBD 3O7 B . -0.37 7.41 -6.75
#